data_8Q0V
#
_entry.id   8Q0V
#
_cell.length_a   44.901
_cell.length_b   72.654
_cell.length_c   52.523
_cell.angle_alpha   90.000
_cell.angle_beta   109.240
_cell.angle_gamma   90.000
#
_symmetry.space_group_name_H-M   'P 1 21 1'
#
loop_
_entity.id
_entity.type
_entity.pdbx_description
1 polymer Endothiapepsin
2 non-polymer (3~{R},5~{R})-3-[2-[[methyl(prop-2-ynyl)amino]methyl]-1,3-thiazol-4-yl]-5-[3-[4-(trifluoromethyl)phenyl]-1,2,4-oxadiazol-5-yl]pyrrolidin-3-ol
3 non-polymer 'DIMETHYL SULFOXIDE'
4 non-polymer DI(HYDROXYETHYL)ETHER
5 non-polymer 'ACETATE ION'
6 water water
#
_entity_poly.entity_id   1
_entity_poly.type   'polypeptide(L)'
_entity_poly.pdbx_seq_one_letter_code
;STGSATTTPIDSLDDAYITPVQIGTPAQTLNLDFDTGSSDLWVFSSETTASEVDGQTIYTPSKSTTAKLLSGATWSISYG
DGSSSSGDVYTDTVSVGGLTVTGQAVESAKKVSSSFTEDSTIDGLLGLAFSTLNTVSPTQQKTFFDNAKASLDSPVFTAD
LGYHAPGTYNFGFIDTTAYTGSITYTAVSTKQGFWEWTSTGYAVGSGTFKSTSIDGIADTGTTLLYLPATVVSAYWAQVS
GAKSSSSVGGYVFPCSATLPSFTFGVGSARIVIPGDYIDFGPISTGSSSCFGGIQSSAGIGINIFGDVALKAAFVVFNGA
TTPTLGFASK
;
_entity_poly.pdbx_strand_id   B
#
loop_
_chem_comp.id
_chem_comp.type
_chem_comp.name
_chem_comp.formula
ACT non-polymer 'ACETATE ION' 'C2 H3 O2 -1'
DMS non-polymer 'DIMETHYL SULFOXIDE' 'C2 H6 O S'
IKA non-polymer (3~{R},5~{R})-3-[2-[[methyl(prop-2-ynyl)amino]methyl]-1,3-thiazol-4-yl]-5-[3-[4-(trifluoromethyl)phenyl]-1,2,4-oxadiazol-5-yl]pyrrolidin-3-ol 'C21 H20 F3 N5 O2 S'
PEG non-polymer DI(HYDROXYETHYL)ETHER 'C4 H10 O3'
#
# COMPACT_ATOMS: atom_id res chain seq x y z
N SER A 1 8.42 21.60 -6.53
CA SER A 1 8.97 20.93 -5.35
C SER A 1 9.00 19.43 -5.54
N THR A 2 9.77 18.75 -4.68
CA THR A 2 9.81 17.30 -4.65
C THR A 2 9.96 16.87 -3.19
N GLY A 3 9.73 15.58 -2.96
CA GLY A 3 10.08 14.95 -1.70
C GLY A 3 10.57 13.55 -1.97
N SER A 4 11.33 13.02 -1.00
CA SER A 4 11.87 11.66 -1.10
C SER A 4 12.02 11.12 0.31
N ALA A 5 11.40 9.98 0.58
CA ALA A 5 11.46 9.40 1.91
C ALA A 5 11.71 7.90 1.80
N THR A 6 12.47 7.36 2.74
CA THR A 6 12.72 5.94 2.79
C THR A 6 11.57 5.23 3.50
N THR A 7 11.15 4.11 2.95
CA THR A 7 10.12 3.27 3.54
C THR A 7 10.75 1.94 3.96
N THR A 8 10.35 1.43 5.13
CA THR A 8 11.05 0.31 5.75
C THR A 8 10.07 -0.78 6.15
N PRO A 9 10.34 -2.05 5.85
CA PRO A 9 9.43 -3.12 6.30
C PRO A 9 9.30 -3.14 7.81
N ILE A 10 8.09 -3.41 8.28
CA ILE A 10 7.86 -3.44 9.72
C ILE A 10 8.36 -4.73 10.38
N ASP A 11 8.64 -5.77 9.60
CA ASP A 11 9.03 -7.05 10.16
C ASP A 11 9.75 -7.84 9.09
N SER A 12 10.18 -9.05 9.44
CA SER A 12 10.99 -9.88 8.56
C SER A 12 10.20 -10.44 7.39
N LEU A 13 8.88 -10.25 7.35
CA LEU A 13 8.04 -10.80 6.29
C LEU A 13 7.61 -9.74 5.29
N ASP A 14 7.98 -8.47 5.48
CA ASP A 14 7.43 -7.37 4.68
C ASP A 14 5.91 -7.31 4.83
N ASP A 15 5.39 -7.49 6.04
CA ASP A 15 3.94 -7.42 6.22
C ASP A 15 3.39 -6.05 5.87
N ALA A 16 4.16 -5.01 6.10
CA ALA A 16 3.82 -3.65 5.70
C ALA A 16 5.10 -2.85 5.73
N TYR A 17 5.02 -1.62 5.23
CA TYR A 17 6.14 -0.69 5.17
C TYR A 17 5.74 0.60 5.87
N ILE A 18 6.67 1.18 6.62
CA ILE A 18 6.41 2.43 7.32
C ILE A 18 7.39 3.50 6.84
N THR A 19 6.88 4.73 6.75
CA THR A 19 7.62 5.86 6.23
C THR A 19 7.50 7.00 7.23
N PRO A 20 8.60 7.63 7.63
CA PRO A 20 8.49 8.71 8.62
C PRO A 20 7.85 9.95 8.00
N VAL A 21 6.94 10.56 8.76
CA VAL A 21 6.18 11.71 8.32
C VAL A 21 6.23 12.74 9.44
N GLN A 22 6.56 14.00 9.09
CA GLN A 22 6.60 15.09 10.06
C GLN A 22 5.26 15.80 10.10
N ILE A 23 4.67 15.91 11.30
CA ILE A 23 3.38 16.54 11.49
C ILE A 23 3.50 17.63 12.54
N GLY A 24 3.05 18.84 12.22
CA GLY A 24 2.95 19.89 13.23
C GLY A 24 4.22 20.69 13.41
N THR A 25 4.13 21.66 14.34
CA THR A 25 5.21 22.59 14.62
C THR A 25 5.35 22.74 16.13
N PRO A 26 6.49 22.38 16.72
CA PRO A 26 7.65 21.69 16.12
C PRO A 26 7.23 20.33 15.57
N ALA A 27 8.04 19.75 14.70
CA ALA A 27 7.67 18.51 14.04
C ALA A 27 7.46 17.39 15.05
N GLN A 28 6.40 16.62 14.84
CA GLN A 28 6.19 15.34 15.49
C GLN A 28 6.30 14.28 14.40
N THR A 29 7.29 13.40 14.52
CA THR A 29 7.53 12.40 13.48
C THR A 29 6.81 11.12 13.85
N LEU A 30 5.92 10.68 12.97
CA LEU A 30 5.20 9.43 13.12
C LEU A 30 5.50 8.56 11.92
N ASN A 31 5.51 7.25 12.12
CA ASN A 31 5.82 6.30 11.06
C ASN A 31 4.50 5.78 10.50
N LEU A 32 4.17 6.20 9.28
CA LEU A 32 2.87 5.92 8.69
C LEU A 32 2.99 4.88 7.59
N ASP A 33 1.91 4.12 7.41
CA ASP A 33 1.81 3.12 6.36
C ASP A 33 1.21 3.82 5.14
N PHE A 34 2.03 4.06 4.11
CA PHE A 34 1.55 4.71 2.90
C PHE A 34 0.70 3.72 2.11
N ASP A 35 -0.56 4.09 1.87
CA ASP A 35 -1.56 3.15 1.37
C ASP A 35 -2.19 3.70 0.09
N THR A 36 -1.73 3.23 -1.07
CA THR A 36 -2.36 3.66 -2.31
C THR A 36 -3.74 3.07 -2.53
N GLY A 37 -4.25 2.27 -1.59
CA GLY A 37 -5.59 1.74 -1.63
C GLY A 37 -6.61 2.43 -0.74
N SER A 38 -6.24 3.54 -0.09
CA SER A 38 -7.19 4.33 0.67
C SER A 38 -6.77 5.79 0.63
N SER A 39 -7.60 6.65 1.25
CA SER A 39 -7.45 8.07 1.00
C SER A 39 -7.57 8.91 2.27
N ASP A 40 -7.30 8.32 3.43
CA ASP A 40 -7.33 9.03 4.69
C ASP A 40 -5.92 9.04 5.26
N LEU A 41 -5.51 10.20 5.78
CA LEU A 41 -4.30 10.31 6.58
C LEU A 41 -4.77 10.35 8.02
N TRP A 42 -4.56 9.26 8.76
CA TRP A 42 -5.00 9.20 10.14
C TRP A 42 -3.85 8.72 11.03
N VAL A 43 -3.87 9.17 12.28
CA VAL A 43 -2.79 8.92 13.22
C VAL A 43 -3.33 8.53 14.59
N PHE A 44 -2.57 7.66 15.26
CA PHE A 44 -2.68 7.54 16.70
C PHE A 44 -2.40 8.91 17.31
N SER A 45 -3.10 9.24 18.39
CA SER A 45 -3.04 10.60 18.88
C SER A 45 -3.25 10.63 20.39
N SER A 46 -3.11 11.83 20.96
CA SER A 46 -3.45 12.07 22.35
C SER A 46 -4.94 11.86 22.62
N GLU A 47 -5.76 11.74 21.58
CA GLU A 47 -7.19 11.49 21.72
C GLU A 47 -7.55 10.02 21.65
N THR A 48 -6.62 9.15 21.26
CA THR A 48 -6.93 7.74 21.11
C THR A 48 -7.17 7.10 22.46
N THR A 49 -8.28 6.37 22.59
CA THR A 49 -8.61 5.62 23.80
C THR A 49 -7.37 4.92 24.35
N ALA A 50 -7.04 5.20 25.61
CA ALA A 50 -5.74 4.80 26.14
C ALA A 50 -5.54 3.29 26.06
N SER A 51 -6.59 2.51 26.33
CA SER A 51 -6.46 1.06 26.29
C SER A 51 -6.20 0.52 24.89
N GLU A 52 -6.33 1.35 23.86
CA GLU A 52 -6.12 0.93 22.48
C GLU A 52 -4.79 1.38 21.93
N VAL A 53 -3.93 1.99 22.75
CA VAL A 53 -2.59 2.39 22.35
C VAL A 53 -1.61 1.46 23.04
N ASP A 54 -0.69 0.87 22.26
CA ASP A 54 0.28 -0.09 22.79
C ASP A 54 1.63 0.09 22.08
N GLY A 55 2.32 1.16 22.41
CA GLY A 55 3.66 1.40 21.93
C GLY A 55 3.76 2.32 20.73
N GLN A 56 2.65 2.71 20.14
CA GLN A 56 2.69 3.64 19.01
C GLN A 56 3.14 5.01 19.46
N THR A 57 3.76 5.75 18.53
CA THR A 57 4.00 7.17 18.72
C THR A 57 2.72 7.93 18.39
N ILE A 58 2.35 8.88 19.23
CA ILE A 58 1.08 9.60 19.08
C ILE A 58 1.34 11.03 18.65
N TYR A 59 0.40 11.55 17.86
CA TYR A 59 0.34 12.96 17.51
C TYR A 59 -0.45 13.69 18.59
N THR A 60 0.11 14.78 19.11
CA THR A 60 -0.56 15.56 20.14
C THR A 60 -0.83 16.94 19.54
N PRO A 61 -2.04 17.20 19.02
CA PRO A 61 -2.28 18.49 18.35
C PRO A 61 -2.11 19.69 19.27
N SER A 62 -2.39 19.54 20.57
CA SER A 62 -2.25 20.64 21.51
C SER A 62 -0.80 21.10 21.67
N LYS A 63 0.17 20.33 21.21
CA LYS A 63 1.57 20.73 21.24
C LYS A 63 2.06 21.29 19.92
N SER A 64 1.18 21.43 18.93
CA SER A 64 1.53 21.94 17.61
C SER A 64 0.97 23.35 17.46
N THR A 65 1.85 24.32 17.21
CA THR A 65 1.40 25.70 17.04
C THR A 65 0.62 25.90 15.75
N THR A 66 0.69 24.97 14.81
CA THR A 66 0.01 25.09 13.53
C THR A 66 -1.24 24.23 13.43
N ALA A 67 -1.54 23.46 14.46
CA ALA A 67 -2.73 22.62 14.44
C ALA A 67 -3.98 23.45 14.65
N LYS A 68 -5.03 23.10 13.91
CA LYS A 68 -6.33 23.72 14.08
C LYS A 68 -7.38 22.64 14.01
N LEU A 69 -8.31 22.63 14.96
CA LEU A 69 -9.44 21.71 14.86
C LEU A 69 -10.23 22.02 13.61
N LEU A 70 -10.54 20.99 12.83
CA LEU A 70 -11.47 21.13 11.70
C LEU A 70 -12.84 20.89 12.31
N SER A 71 -13.48 21.98 12.72
N SER A 71 -13.48 21.98 12.73
CA SER A 71 -14.65 21.92 13.59
CA SER A 71 -14.64 21.90 13.61
C SER A 71 -15.77 21.10 12.94
C SER A 71 -15.77 21.11 12.96
N GLY A 72 -16.29 20.12 13.70
CA GLY A 72 -17.41 19.33 13.27
C GLY A 72 -17.07 18.16 12.37
N ALA A 73 -15.83 18.04 11.92
CA ALA A 73 -15.47 16.97 11.01
C ALA A 73 -15.16 15.69 11.77
N THR A 74 -15.68 14.58 11.26
CA THR A 74 -15.39 13.26 11.82
C THR A 74 -15.02 12.35 10.66
N TRP A 75 -14.44 11.20 11.01
CA TRP A 75 -14.03 10.23 10.00
C TRP A 75 -14.21 8.84 10.58
N SER A 76 -14.39 7.87 9.68
CA SER A 76 -14.57 6.49 10.10
C SER A 76 -14.28 5.62 8.89
N ILE A 77 -13.38 4.66 9.05
CA ILE A 77 -12.90 3.88 7.93
C ILE A 77 -12.73 2.43 8.34
N SER A 78 -12.90 1.52 7.38
N SER A 78 -12.95 1.53 7.39
CA SER A 78 -12.63 0.11 7.59
CA SER A 78 -12.61 0.13 7.55
C SER A 78 -11.86 -0.43 6.39
C SER A 78 -11.65 -0.25 6.43
N TYR A 79 -10.92 -1.33 6.66
CA TYR A 79 -9.99 -1.85 5.67
C TYR A 79 -10.37 -3.27 5.29
N GLY A 80 -9.72 -3.76 4.23
CA GLY A 80 -10.10 -5.04 3.65
C GLY A 80 -9.94 -6.22 4.57
N ASP A 81 -9.11 -6.09 5.61
CA ASP A 81 -8.93 -7.17 6.58
C ASP A 81 -9.95 -7.11 7.71
N GLY A 82 -10.86 -6.14 7.68
CA GLY A 82 -11.82 -5.99 8.75
C GLY A 82 -11.40 -5.02 9.85
N SER A 83 -10.19 -4.49 9.79
N SER A 83 -10.20 -4.47 9.77
CA SER A 83 -9.76 -3.50 10.77
CA SER A 83 -9.74 -3.49 10.76
C SER A 83 -10.48 -2.18 10.53
C SER A 83 -10.39 -2.14 10.48
N SER A 84 -10.39 -1.29 11.50
CA SER A 84 -11.10 -0.02 11.41
C SER A 84 -10.56 0.99 12.40
N SER A 85 -10.90 2.26 12.16
CA SER A 85 -10.53 3.36 13.03
C SER A 85 -11.46 4.53 12.74
N SER A 86 -11.54 5.45 13.71
CA SER A 86 -12.42 6.60 13.57
C SER A 86 -11.99 7.70 14.53
N GLY A 87 -12.47 8.91 14.27
CA GLY A 87 -12.16 10.00 15.17
C GLY A 87 -12.58 11.36 14.62
N ASP A 88 -11.83 12.38 15.01
CA ASP A 88 -12.07 13.75 14.55
C ASP A 88 -10.87 14.23 13.74
N VAL A 89 -10.84 15.51 13.40
CA VAL A 89 -9.93 15.98 12.36
C VAL A 89 -9.30 17.32 12.77
N TYR A 90 -8.00 17.41 12.55
CA TYR A 90 -7.25 18.66 12.63
C TYR A 90 -6.67 18.96 11.26
N THR A 91 -6.39 20.22 11.00
CA THR A 91 -5.48 20.56 9.92
C THR A 91 -4.15 20.95 10.51
N ASP A 92 -3.08 20.56 9.83
CA ASP A 92 -1.75 20.87 10.32
C ASP A 92 -0.77 20.77 9.15
N THR A 93 0.46 21.19 9.40
CA THR A 93 1.51 21.11 8.41
C THR A 93 2.08 19.68 8.42
N VAL A 94 2.18 19.09 7.23
CA VAL A 94 2.65 17.71 7.08
C VAL A 94 3.76 17.70 6.05
N SER A 95 4.89 17.09 6.39
CA SER A 95 6.02 17.01 5.48
C SER A 95 6.44 15.55 5.32
N VAL A 96 6.72 15.18 4.08
CA VAL A 96 7.20 13.84 3.74
C VAL A 96 8.49 14.05 2.95
N GLY A 97 9.61 13.61 3.53
CA GLY A 97 10.85 13.63 2.77
C GLY A 97 11.21 14.99 2.21
N GLY A 98 10.92 16.05 2.97
CA GLY A 98 11.23 17.40 2.53
C GLY A 98 10.13 18.14 1.77
N LEU A 99 9.03 17.47 1.46
CA LEU A 99 7.92 18.08 0.75
C LEU A 99 6.83 18.43 1.77
N THR A 100 6.42 19.69 1.79
CA THR A 100 5.53 20.20 2.84
C THR A 100 4.18 20.60 2.27
N VAL A 101 3.11 20.16 2.94
CA VAL A 101 1.75 20.62 2.67
C VAL A 101 1.26 21.33 3.93
N THR A 102 0.84 22.58 3.79
CA THR A 102 0.19 23.26 4.90
C THR A 102 -1.32 23.03 4.81
N GLY A 103 -1.97 22.95 5.97
CA GLY A 103 -3.41 22.76 5.98
C GLY A 103 -3.87 21.37 5.63
N GLN A 104 -3.00 20.37 5.73
CA GLN A 104 -3.40 18.99 5.47
C GLN A 104 -4.35 18.49 6.56
N ALA A 105 -5.40 17.79 6.13
CA ALA A 105 -6.28 17.13 7.09
C ALA A 105 -5.53 15.96 7.72
N VAL A 106 -5.37 16.03 9.04
CA VAL A 106 -4.75 15.00 9.86
C VAL A 106 -5.87 14.43 10.72
N GLU A 107 -6.27 13.19 10.44
CA GLU A 107 -7.41 12.58 11.09
C GLU A 107 -6.92 11.92 12.37
N SER A 108 -7.40 12.41 13.51
CA SER A 108 -6.94 11.96 14.82
C SER A 108 -7.84 10.83 15.30
N ALA A 109 -7.24 9.67 15.57
CA ALA A 109 -8.03 8.51 15.98
C ALA A 109 -8.53 8.67 17.41
N LYS A 110 -9.83 8.52 17.60
CA LYS A 110 -10.35 8.30 18.94
C LYS A 110 -10.45 6.81 19.27
N LYS A 111 -10.66 5.98 18.25
CA LYS A 111 -10.82 4.55 18.40
C LYS A 111 -10.07 3.86 17.28
N VAL A 112 -9.38 2.77 17.60
CA VAL A 112 -8.78 1.89 16.62
C VAL A 112 -9.13 0.45 16.97
N SER A 113 -9.20 -0.40 15.95
CA SER A 113 -9.49 -1.80 16.19
C SER A 113 -8.24 -2.55 16.63
N SER A 114 -8.44 -3.80 17.05
CA SER A 114 -7.40 -4.54 17.77
C SER A 114 -6.14 -4.74 16.93
N SER A 115 -6.30 -4.96 15.62
CA SER A 115 -5.12 -5.20 14.79
C SER A 115 -4.21 -3.97 14.74
N PHE A 116 -4.78 -2.77 14.80
CA PHE A 116 -3.95 -1.57 14.87
C PHE A 116 -3.26 -1.47 16.22
N THR A 117 -4.00 -1.67 17.32
CA THR A 117 -3.39 -1.66 18.64
C THR A 117 -2.22 -2.63 18.70
N GLU A 118 -2.40 -3.81 18.12
CA GLU A 118 -1.41 -4.88 18.20
C GLU A 118 -0.18 -4.62 17.34
N ASP A 119 -0.24 -3.69 16.40
CA ASP A 119 0.92 -3.38 15.56
C ASP A 119 1.56 -2.11 16.10
N SER A 120 2.53 -2.29 17.01
CA SER A 120 3.19 -1.16 17.64
C SER A 120 4.03 -0.34 16.68
N THR A 121 4.35 -0.88 15.50
CA THR A 121 5.23 -0.18 14.56
C THR A 121 4.49 0.78 13.62
N ILE A 122 3.17 0.72 13.54
CA ILE A 122 2.40 1.53 12.61
C ILE A 122 1.69 2.61 13.42
N ASP A 123 2.10 3.87 13.21
CA ASP A 123 1.53 4.99 13.94
C ASP A 123 0.32 5.58 13.24
N GLY A 124 -0.06 5.05 12.10
CA GLY A 124 -1.18 5.55 11.34
C GLY A 124 -0.97 5.23 9.87
N LEU A 125 -1.89 5.75 9.05
CA LEU A 125 -1.89 5.52 7.62
C LEU A 125 -1.84 6.84 6.88
N LEU A 126 -1.21 6.83 5.71
CA LEU A 126 -1.23 7.99 4.81
C LEU A 126 -1.79 7.49 3.48
N GLY A 127 -3.05 7.84 3.22
CA GLY A 127 -3.73 7.36 2.03
C GLY A 127 -3.28 8.10 0.78
N LEU A 128 -3.10 7.32 -0.30
CA LEU A 128 -2.63 7.84 -1.58
C LEU A 128 -3.51 7.41 -2.75
N ALA A 129 -4.69 6.87 -2.48
CA ALA A 129 -5.69 6.66 -3.53
C ALA A 129 -6.32 8.01 -3.86
N PHE A 130 -7.41 8.01 -4.63
CA PHE A 130 -8.02 9.27 -5.04
C PHE A 130 -8.89 9.85 -3.93
N SER A 131 -8.92 11.18 -3.86
CA SER A 131 -9.54 11.84 -2.71
C SER A 131 -11.04 11.58 -2.63
N THR A 132 -11.65 11.08 -3.72
CA THR A 132 -13.06 10.71 -3.68
C THR A 132 -13.35 9.59 -2.68
N LEU A 133 -12.34 8.85 -2.22
CA LEU A 133 -12.54 7.83 -1.20
C LEU A 133 -12.36 8.34 0.22
N ASN A 134 -11.97 9.59 0.40
CA ASN A 134 -11.71 10.08 1.75
C ASN A 134 -13.00 10.09 2.58
N THR A 135 -12.90 9.65 3.84
CA THR A 135 -14.09 9.43 4.64
C THR A 135 -14.50 10.61 5.51
N VAL A 136 -13.80 11.74 5.46
CA VAL A 136 -14.14 12.84 6.35
C VAL A 136 -15.51 13.39 6.00
N SER A 137 -16.34 13.59 7.02
CA SER A 137 -17.67 14.14 6.88
C SER A 137 -17.83 15.30 7.84
N PRO A 138 -18.58 16.35 7.47
CA PRO A 138 -19.39 16.50 6.26
C PRO A 138 -18.63 17.10 5.08
N THR A 139 -17.37 17.48 5.27
CA THR A 139 -16.58 18.11 4.21
C THR A 139 -15.44 17.15 3.89
N GLN A 140 -15.54 16.47 2.75
CA GLN A 140 -14.51 15.51 2.35
C GLN A 140 -13.18 16.21 2.15
N GLN A 141 -12.09 15.53 2.51
CA GLN A 141 -10.77 16.12 2.51
C GLN A 141 -9.87 15.48 1.45
N LYS A 142 -8.83 16.22 1.06
CA LYS A 142 -7.89 15.77 0.04
C LYS A 142 -6.71 15.01 0.65
N THR A 143 -6.18 14.06 -0.13
CA THR A 143 -4.98 13.36 0.29
C THR A 143 -3.76 14.30 0.25
N PHE A 144 -2.70 13.85 0.93
CA PHE A 144 -1.44 14.57 0.90
C PHE A 144 -0.97 14.78 -0.53
N PHE A 145 -1.06 13.73 -1.36
CA PHE A 145 -0.64 13.86 -2.75
C PHE A 145 -1.50 14.87 -3.51
N ASP A 146 -2.82 14.79 -3.33
CA ASP A 146 -3.71 15.72 -4.02
C ASP A 146 -3.40 17.16 -3.62
N ASN A 147 -3.15 17.40 -2.33
CA ASN A 147 -2.83 18.74 -1.86
C ASN A 147 -1.47 19.21 -2.40
N ALA A 148 -0.50 18.30 -2.53
CA ALA A 148 0.83 18.68 -2.97
C ALA A 148 0.93 18.83 -4.48
N LYS A 149 -0.01 18.24 -5.22
CA LYS A 149 0.19 17.98 -6.65
C LYS A 149 0.54 19.26 -7.42
N ALA A 150 -0.20 20.34 -7.18
CA ALA A 150 0.00 21.56 -7.96
C ALA A 150 1.40 22.14 -7.75
N SER A 151 2.02 21.88 -6.60
CA SER A 151 3.34 22.41 -6.30
C SER A 151 4.47 21.52 -6.81
N LEU A 152 4.17 20.27 -7.14
CA LEU A 152 5.21 19.33 -7.53
C LEU A 152 5.78 19.66 -8.91
N ASP A 153 7.05 19.29 -9.11
CA ASP A 153 7.66 19.48 -10.43
C ASP A 153 6.90 18.70 -11.50
N SER A 154 6.41 17.52 -11.16
N SER A 154 6.44 17.50 -11.16
CA SER A 154 5.62 16.66 -12.02
CA SER A 154 5.59 16.69 -12.03
C SER A 154 4.56 16.05 -11.12
C SER A 154 4.55 16.06 -11.11
N PRO A 155 3.32 15.91 -11.59
CA PRO A 155 2.22 15.45 -10.71
C PRO A 155 2.20 13.94 -10.50
N VAL A 156 3.27 13.42 -9.89
CA VAL A 156 3.49 11.99 -9.78
C VAL A 156 4.06 11.67 -8.40
N PHE A 157 3.86 10.43 -7.97
CA PHE A 157 4.70 9.86 -6.93
C PHE A 157 5.08 8.47 -7.39
N THR A 158 6.17 7.96 -6.81
CA THR A 158 6.66 6.64 -7.18
C THR A 158 6.85 5.78 -5.93
N ALA A 159 6.58 4.49 -6.08
CA ALA A 159 6.80 3.50 -5.04
C ALA A 159 7.89 2.55 -5.50
N ASP A 160 8.94 2.42 -4.69
CA ASP A 160 10.06 1.52 -4.99
C ASP A 160 10.28 0.70 -3.72
N LEU A 161 9.42 -0.30 -3.52
CA LEU A 161 9.47 -1.08 -2.28
C LEU A 161 10.55 -2.13 -2.34
N GLY A 162 11.22 -2.37 -1.20
CA GLY A 162 12.25 -3.38 -1.13
C GLY A 162 11.73 -4.75 -0.72
N TYR A 163 12.48 -5.78 -1.11
CA TYR A 163 12.24 -7.14 -0.67
C TYR A 163 13.10 -7.38 0.56
N HIS A 164 12.47 -7.48 1.72
CA HIS A 164 13.20 -7.67 2.98
C HIS A 164 14.26 -6.58 3.16
N ALA A 165 13.94 -5.37 2.71
CA ALA A 165 14.90 -4.28 2.66
C ALA A 165 14.13 -2.98 2.51
N PRO A 166 14.73 -1.86 2.89
CA PRO A 166 14.06 -0.57 2.71
C PRO A 166 13.95 -0.20 1.23
N GLY A 167 13.07 0.76 0.98
CA GLY A 167 12.83 1.27 -0.35
C GLY A 167 12.52 2.75 -0.26
N THR A 168 11.86 3.29 -1.29
CA THR A 168 11.74 4.74 -1.42
C THR A 168 10.37 5.12 -1.97
N TYR A 169 9.76 6.14 -1.36
CA TYR A 169 8.66 6.89 -1.95
C TYR A 169 9.19 8.25 -2.38
N ASN A 170 9.06 8.57 -3.67
CA ASN A 170 9.42 9.88 -4.19
C ASN A 170 8.15 10.60 -4.65
N PHE A 171 8.14 11.91 -4.46
CA PHE A 171 7.04 12.77 -4.88
C PHE A 171 7.57 13.83 -5.83
N GLY A 172 6.95 13.93 -7.00
CA GLY A 172 7.23 15.04 -7.91
C GLY A 172 8.29 14.79 -8.95
N PHE A 173 8.93 13.62 -8.95
CA PHE A 173 9.96 13.34 -9.93
C PHE A 173 10.13 11.83 -10.06
N ILE A 174 10.69 11.43 -11.19
CA ILE A 174 10.99 10.04 -11.49
C ILE A 174 12.51 9.87 -11.45
N ASP A 175 12.99 9.03 -10.53
CA ASP A 175 14.42 8.75 -10.38
C ASP A 175 14.82 7.74 -11.45
N THR A 176 15.43 8.24 -12.53
CA THR A 176 15.79 7.38 -13.65
C THR A 176 16.91 6.40 -13.33
N THR A 177 17.57 6.54 -12.17
CA THR A 177 18.56 5.57 -11.76
C THR A 177 17.96 4.39 -10.98
N ALA A 178 16.67 4.43 -10.68
CA ALA A 178 16.07 3.46 -9.77
C ALA A 178 15.48 2.25 -10.48
N TYR A 179 15.53 2.19 -11.80
CA TYR A 179 14.93 1.07 -12.52
C TYR A 179 15.79 0.73 -13.73
N THR A 180 15.57 -0.46 -14.26
CA THR A 180 16.23 -0.90 -15.48
C THR A 180 15.24 -0.82 -16.64
N GLY A 181 15.77 -0.74 -17.86
CA GLY A 181 14.92 -0.67 -19.04
C GLY A 181 14.02 0.56 -19.01
N SER A 182 12.83 0.40 -19.58
N SER A 182 12.83 0.40 -19.58
CA SER A 182 11.88 1.50 -19.73
CA SER A 182 11.87 1.49 -19.71
C SER A 182 10.64 1.27 -18.87
C SER A 182 10.70 1.28 -18.76
N ILE A 183 9.99 2.37 -18.50
CA ILE A 183 8.74 2.31 -17.75
C ILE A 183 7.60 2.13 -18.75
N THR A 184 6.77 1.11 -18.55
CA THR A 184 5.58 0.92 -19.38
C THR A 184 4.38 1.50 -18.66
N TYR A 185 3.72 2.46 -19.30
CA TYR A 185 2.55 3.10 -18.72
C TYR A 185 1.28 2.44 -19.23
N THR A 186 0.28 2.40 -18.36
CA THR A 186 -0.98 1.74 -18.64
C THR A 186 -2.12 2.56 -18.05
N ALA A 187 -3.28 2.48 -18.69
CA ALA A 187 -4.40 3.35 -18.34
C ALA A 187 -4.96 3.03 -16.96
N VAL A 188 -5.45 4.06 -16.28
CA VAL A 188 -6.06 3.95 -14.96
C VAL A 188 -7.52 4.36 -15.04
N SER A 189 -8.39 3.61 -14.37
CA SER A 189 -9.76 4.02 -14.12
C SER A 189 -9.85 4.52 -12.68
N THR A 190 -10.41 5.72 -12.49
CA THR A 190 -10.64 6.26 -11.17
C THR A 190 -12.08 6.05 -10.69
N LYS A 191 -12.86 5.25 -11.42
CA LYS A 191 -14.30 5.15 -11.15
C LYS A 191 -14.59 4.63 -9.76
N GLN A 192 -13.73 3.79 -9.20
CA GLN A 192 -13.90 3.28 -7.85
C GLN A 192 -13.00 3.97 -6.83
N GLY A 193 -12.27 5.01 -7.25
CA GLY A 193 -11.40 5.74 -6.37
C GLY A 193 -10.01 5.15 -6.19
N PHE A 194 -9.70 4.06 -6.89
CA PHE A 194 -8.43 3.36 -6.75
C PHE A 194 -7.55 3.61 -7.97
N TRP A 195 -6.28 3.24 -7.83
CA TRP A 195 -5.36 3.15 -8.95
C TRP A 195 -5.64 1.82 -9.65
N GLU A 196 -6.72 1.81 -10.42
CA GLU A 196 -7.25 0.59 -11.02
C GLU A 196 -6.80 0.50 -12.46
N TRP A 197 -6.31 -0.66 -12.85
CA TRP A 197 -5.70 -0.87 -14.17
C TRP A 197 -5.99 -2.30 -14.60
N THR A 198 -5.56 -2.65 -15.81
CA THR A 198 -5.82 -3.97 -16.37
C THR A 198 -4.51 -4.60 -16.79
N SER A 199 -4.10 -5.63 -16.06
CA SER A 199 -2.94 -6.42 -16.46
C SER A 199 -3.29 -7.24 -17.70
N THR A 200 -2.28 -7.50 -18.52
CA THR A 200 -2.47 -8.19 -19.80
C THR A 200 -2.25 -9.69 -19.71
N GLY A 201 -1.89 -10.23 -18.55
CA GLY A 201 -1.85 -11.67 -18.37
C GLY A 201 -0.77 -12.08 -17.38
N TYR A 202 -0.40 -13.36 -17.46
CA TYR A 202 0.52 -13.89 -16.46
C TYR A 202 1.26 -15.10 -17.00
N ALA A 203 2.35 -15.43 -16.32
CA ALA A 203 3.04 -16.70 -16.51
C ALA A 203 3.48 -17.23 -15.16
N VAL A 204 3.59 -18.56 -15.07
CA VAL A 204 4.09 -19.23 -13.87
C VAL A 204 5.46 -19.80 -14.17
N GLY A 205 6.45 -19.39 -13.39
CA GLY A 205 7.80 -19.90 -13.58
C GLY A 205 8.29 -19.65 -14.98
N SER A 206 8.85 -20.68 -15.61
CA SER A 206 9.34 -20.58 -16.97
C SER A 206 8.26 -20.90 -18.00
N GLY A 207 7.00 -20.95 -17.60
CA GLY A 207 5.93 -21.30 -18.51
C GLY A 207 5.62 -20.20 -19.50
N THR A 208 4.86 -20.57 -20.52
CA THR A 208 4.45 -19.60 -21.53
C THR A 208 3.45 -18.61 -20.94
N PHE A 209 3.44 -17.41 -21.52
CA PHE A 209 2.58 -16.34 -21.04
C PHE A 209 1.14 -16.58 -21.49
N LYS A 210 0.20 -16.42 -20.56
CA LYS A 210 -1.23 -16.52 -20.83
C LYS A 210 -1.77 -15.10 -20.98
N SER A 211 -2.20 -14.76 -22.19
N SER A 211 -2.22 -14.77 -22.18
CA SER A 211 -2.78 -13.45 -22.45
CA SER A 211 -2.78 -13.45 -22.46
C SER A 211 -4.21 -13.43 -21.95
C SER A 211 -4.22 -13.40 -21.98
N THR A 212 -4.49 -12.60 -20.95
CA THR A 212 -5.83 -12.50 -20.38
C THR A 212 -5.90 -11.20 -19.58
N SER A 213 -7.03 -10.52 -19.66
CA SER A 213 -7.19 -9.24 -18.98
C SER A 213 -7.52 -9.45 -17.51
N ILE A 214 -6.75 -8.81 -16.63
CA ILE A 214 -6.96 -8.92 -15.19
C ILE A 214 -7.08 -7.50 -14.64
N ASP A 215 -8.31 -7.09 -14.32
N ASP A 215 -8.31 -7.05 -14.42
CA ASP A 215 -8.56 -5.77 -13.75
CA ASP A 215 -8.53 -5.78 -13.75
C ASP A 215 -8.27 -5.79 -12.25
C ASP A 215 -8.07 -5.91 -12.30
N GLY A 216 -7.43 -4.86 -11.79
CA GLY A 216 -7.05 -4.88 -10.38
C GLY A 216 -6.53 -3.52 -9.97
N ILE A 217 -6.15 -3.40 -8.69
CA ILE A 217 -5.69 -2.13 -8.14
C ILE A 217 -4.25 -2.25 -7.69
N ALA A 218 -3.48 -1.18 -7.86
CA ALA A 218 -2.12 -1.12 -7.33
C ALA A 218 -2.25 -0.58 -5.91
N ASP A 219 -1.95 -1.42 -4.92
CA ASP A 219 -2.25 -1.12 -3.52
C ASP A 219 -1.04 -1.39 -2.64
N THR A 220 -0.30 -0.34 -2.30
CA THR A 220 0.86 -0.50 -1.43
C THR A 220 0.48 -0.88 -0.01
N GLY A 221 -0.77 -0.67 0.37
CA GLY A 221 -1.23 -1.02 1.70
C GLY A 221 -1.70 -2.44 1.88
N THR A 222 -1.70 -3.25 0.82
CA THR A 222 -2.04 -4.66 0.91
C THR A 222 -0.74 -5.46 0.79
N THR A 223 -0.57 -6.44 1.69
CA THR A 223 0.68 -7.19 1.75
C THR A 223 0.87 -8.09 0.54
N LEU A 224 -0.18 -8.80 0.14
CA LEU A 224 -0.07 -9.92 -0.79
C LEU A 224 -0.64 -9.56 -2.17
N LEU A 225 -0.54 -10.53 -3.07
CA LEU A 225 -1.05 -10.42 -4.43
C LEU A 225 -2.32 -11.28 -4.52
N TYR A 226 -3.46 -10.63 -4.75
CA TYR A 226 -4.75 -11.31 -4.82
C TYR A 226 -5.25 -11.32 -6.25
N LEU A 227 -5.43 -12.49 -6.82
CA LEU A 227 -5.78 -12.67 -8.23
C LEU A 227 -6.90 -13.68 -8.36
N PRO A 228 -7.51 -13.79 -9.55
CA PRO A 228 -8.62 -14.73 -9.70
C PRO A 228 -8.23 -16.16 -9.36
N ALA A 229 -9.23 -16.92 -8.88
CA ALA A 229 -8.98 -18.28 -8.42
C ALA A 229 -8.36 -19.15 -9.49
N THR A 230 -8.71 -18.92 -10.77
CA THR A 230 -8.13 -19.70 -11.86
C THR A 230 -6.62 -19.49 -11.91
N VAL A 231 -6.19 -18.23 -11.86
CA VAL A 231 -4.77 -17.89 -11.93
C VAL A 231 -4.02 -18.46 -10.73
N VAL A 232 -4.58 -18.26 -9.54
CA VAL A 232 -3.93 -18.69 -8.30
C VAL A 232 -3.80 -20.21 -8.25
N SER A 233 -4.83 -20.93 -8.70
CA SER A 233 -4.75 -22.38 -8.76
C SER A 233 -3.65 -22.83 -9.72
N ALA A 234 -3.55 -22.18 -10.88
CA ALA A 234 -2.51 -22.53 -11.84
C ALA A 234 -1.12 -22.32 -11.26
N TYR A 235 -0.95 -21.29 -10.43
CA TYR A 235 0.34 -21.07 -9.78
C TYR A 235 0.64 -22.18 -8.77
N TRP A 236 -0.27 -22.39 -7.80
CA TRP A 236 0.03 -23.31 -6.71
C TRP A 236 0.08 -24.76 -7.15
N ALA A 237 -0.56 -25.09 -8.28
CA ALA A 237 -0.46 -26.43 -8.83
C ALA A 237 0.98 -26.80 -9.17
N GLN A 238 1.86 -25.82 -9.33
CA GLN A 238 3.25 -26.09 -9.65
C GLN A 238 4.11 -26.37 -8.42
N VAL A 239 3.53 -26.29 -7.22
CA VAL A 239 4.26 -26.44 -5.97
C VAL A 239 3.77 -27.71 -5.29
N SER A 240 4.65 -28.72 -5.19
N SER A 240 4.64 -28.72 -5.19
CA SER A 240 4.28 -29.99 -4.58
CA SER A 240 4.23 -30.01 -4.64
C SER A 240 3.76 -29.76 -3.17
C SER A 240 3.80 -29.86 -3.19
N GLY A 241 2.57 -30.30 -2.89
CA GLY A 241 2.01 -30.21 -1.56
C GLY A 241 1.28 -28.92 -1.24
N ALA A 242 1.22 -27.97 -2.16
CA ALA A 242 0.50 -26.73 -1.90
C ALA A 242 -0.99 -26.99 -1.96
N LYS A 243 -1.74 -26.31 -1.09
CA LYS A 243 -3.18 -26.51 -1.03
C LYS A 243 -3.82 -25.28 -0.40
N SER A 244 -5.09 -25.09 -0.70
CA SER A 244 -5.87 -24.05 -0.06
C SER A 244 -6.44 -24.61 1.23
N SER A 245 -6.20 -23.91 2.33
CA SER A 245 -6.63 -24.33 3.66
C SER A 245 -7.68 -23.34 4.16
N SER A 246 -8.90 -23.82 4.37
CA SER A 246 -9.93 -22.96 4.93
C SER A 246 -9.62 -22.59 6.38
N SER A 247 -8.97 -23.49 7.13
CA SER A 247 -8.65 -23.17 8.52
C SER A 247 -7.58 -22.08 8.61
N VAL A 248 -6.60 -22.10 7.71
CA VAL A 248 -5.57 -21.07 7.72
C VAL A 248 -6.06 -19.79 7.06
N GLY A 249 -6.90 -19.91 6.04
CA GLY A 249 -7.40 -18.77 5.32
C GLY A 249 -6.73 -18.51 3.99
N GLY A 250 -6.18 -19.53 3.34
CA GLY A 250 -5.59 -19.34 2.04
C GLY A 250 -4.67 -20.49 1.70
N TYR A 251 -3.95 -20.30 0.59
CA TYR A 251 -2.98 -21.28 0.13
C TYR A 251 -1.77 -21.33 1.06
N VAL A 252 -1.40 -22.55 1.43
CA VAL A 252 -0.19 -22.86 2.18
C VAL A 252 0.61 -23.84 1.36
N PHE A 253 1.89 -23.93 1.67
CA PHE A 253 2.78 -24.80 0.92
C PHE A 253 3.86 -25.30 1.86
N PRO A 254 4.51 -26.42 1.54
CA PRO A 254 5.56 -26.94 2.42
C PRO A 254 6.73 -25.97 2.48
N CYS A 255 7.19 -25.67 3.70
CA CYS A 255 8.31 -24.74 3.82
C CYS A 255 9.57 -25.28 3.16
N SER A 256 9.61 -26.59 2.87
CA SER A 256 10.75 -27.18 2.16
C SER A 256 10.77 -26.85 0.67
N ALA A 257 9.74 -26.21 0.14
CA ALA A 257 9.64 -25.96 -1.30
C ALA A 257 10.46 -24.75 -1.71
N THR A 258 10.95 -24.80 -2.95
CA THR A 258 11.44 -23.64 -3.66
C THR A 258 10.34 -23.19 -4.62
N LEU A 259 9.93 -21.94 -4.53
CA LEU A 259 8.75 -21.49 -5.27
C LEU A 259 9.12 -21.00 -6.67
N PRO A 260 8.25 -21.25 -7.65
CA PRO A 260 8.44 -20.65 -8.97
C PRO A 260 8.14 -19.16 -8.94
N SER A 261 8.74 -18.45 -9.89
CA SER A 261 8.42 -17.05 -10.10
C SER A 261 6.99 -16.90 -10.63
N PHE A 262 6.51 -15.66 -10.61
CA PHE A 262 5.22 -15.31 -11.19
C PHE A 262 5.40 -14.03 -12.00
N THR A 263 4.99 -14.06 -13.26
CA THR A 263 5.09 -12.92 -14.15
C THR A 263 3.71 -12.32 -14.37
N PHE A 264 3.61 -10.99 -14.30
CA PHE A 264 2.39 -10.32 -14.73
C PHE A 264 2.67 -9.35 -15.87
N GLY A 265 1.67 -9.19 -16.74
CA GLY A 265 1.81 -8.33 -17.91
C GLY A 265 1.38 -6.89 -17.61
N VAL A 266 2.17 -5.95 -18.13
CA VAL A 266 1.82 -4.53 -18.15
C VAL A 266 1.93 -4.13 -19.60
N GLY A 267 0.80 -3.99 -20.28
CA GLY A 267 0.85 -3.83 -21.73
C GLY A 267 1.64 -4.96 -22.34
N SER A 268 2.57 -4.63 -23.23
CA SER A 268 3.43 -5.64 -23.82
C SER A 268 4.65 -5.96 -22.97
N ALA A 269 4.80 -5.33 -21.82
CA ALA A 269 5.93 -5.57 -20.93
C ALA A 269 5.57 -6.61 -19.87
N ARG A 270 6.59 -7.04 -19.12
CA ARG A 270 6.44 -8.09 -18.13
C ARG A 270 7.20 -7.71 -16.87
N ILE A 271 6.57 -7.94 -15.71
CA ILE A 271 7.21 -7.84 -14.41
C ILE A 271 7.29 -9.24 -13.82
N VAL A 272 8.50 -9.65 -13.42
CA VAL A 272 8.74 -10.99 -12.90
C VAL A 272 8.92 -10.89 -11.39
N ILE A 273 8.03 -11.54 -10.64
CA ILE A 273 8.12 -11.64 -9.19
C ILE A 273 8.93 -12.88 -8.87
N PRO A 274 10.11 -12.76 -8.28
CA PRO A 274 10.88 -13.98 -7.93
C PRO A 274 10.11 -14.85 -6.94
N GLY A 275 10.34 -16.16 -7.05
CA GLY A 275 9.66 -17.09 -6.17
C GLY A 275 9.82 -16.77 -4.71
N ASP A 276 11.01 -16.32 -4.30
CA ASP A 276 11.22 -16.05 -2.88
C ASP A 276 10.28 -14.96 -2.37
N TYR A 277 9.85 -14.04 -3.24
CA TYR A 277 8.96 -12.97 -2.80
C TYR A 277 7.58 -13.50 -2.41
N ILE A 278 7.25 -14.72 -2.86
CA ILE A 278 5.95 -15.33 -2.62
C ILE A 278 5.94 -16.14 -1.33
N ASP A 279 7.08 -16.25 -0.65
CA ASP A 279 7.20 -17.02 0.59
C ASP A 279 6.95 -16.09 1.78
N PHE A 280 5.87 -16.33 2.52
CA PHE A 280 5.57 -15.58 3.73
C PHE A 280 5.81 -16.37 5.01
N GLY A 281 6.55 -17.47 4.91
CA GLY A 281 7.07 -18.13 6.07
C GLY A 281 6.04 -18.96 6.81
N PRO A 282 6.47 -19.55 7.92
CA PRO A 282 5.60 -20.48 8.65
C PRO A 282 4.30 -19.82 9.09
N ILE A 283 3.21 -20.59 9.02
CA ILE A 283 1.89 -20.06 9.39
C ILE A 283 1.85 -19.71 10.87
N SER A 284 2.66 -20.39 11.68
CA SER A 284 2.85 -20.11 13.09
C SER A 284 4.28 -20.51 13.40
N THR A 285 4.83 -19.96 14.49
CA THR A 285 6.23 -20.21 14.80
C THR A 285 6.53 -21.70 14.88
N GLY A 286 7.55 -22.13 14.14
CA GLY A 286 7.97 -23.51 14.16
C GLY A 286 7.25 -24.41 13.18
N SER A 287 6.22 -23.92 12.51
CA SER A 287 5.47 -24.77 11.59
C SER A 287 6.25 -25.02 10.33
N SER A 288 6.03 -26.18 9.73
CA SER A 288 6.59 -26.47 8.42
C SER A 288 5.62 -26.18 7.28
N SER A 289 4.45 -25.63 7.59
CA SER A 289 3.54 -25.12 6.58
C SER A 289 3.75 -23.62 6.46
N CYS A 290 3.97 -23.16 5.23
CA CYS A 290 4.29 -21.77 4.95
C CYS A 290 3.12 -21.11 4.23
N PHE A 291 2.96 -19.82 4.46
CA PHE A 291 1.84 -19.09 3.85
C PHE A 291 2.23 -18.51 2.51
N GLY A 292 1.36 -18.69 1.52
CA GLY A 292 1.65 -18.19 0.18
C GLY A 292 1.41 -16.69 0.02
N GLY A 293 2.24 -16.09 -0.83
CA GLY A 293 2.11 -14.67 -1.14
C GLY A 293 1.17 -14.34 -2.27
N ILE A 294 0.67 -15.35 -2.97
CA ILE A 294 -0.34 -15.21 -4.01
C ILE A 294 -1.58 -15.92 -3.50
N GLN A 295 -2.70 -15.19 -3.43
CA GLN A 295 -3.91 -15.71 -2.85
C GLN A 295 -5.07 -15.36 -3.75
N SER A 296 -6.19 -16.06 -3.58
CA SER A 296 -7.37 -15.82 -4.38
C SER A 296 -8.08 -14.54 -3.96
N SER A 297 -8.55 -13.80 -4.96
CA SER A 297 -9.38 -12.63 -4.74
C SER A 297 -10.86 -12.96 -4.67
N ALA A 298 -11.23 -14.24 -4.75
CA ALA A 298 -12.63 -14.60 -4.96
C ALA A 298 -13.53 -14.11 -3.84
N GLY A 299 -13.05 -14.12 -2.60
CA GLY A 299 -13.88 -13.64 -1.51
C GLY A 299 -13.94 -12.15 -1.32
N ILE A 300 -13.09 -11.38 -2.01
CA ILE A 300 -12.99 -9.94 -1.75
C ILE A 300 -13.56 -9.08 -2.87
N GLY A 301 -13.76 -9.62 -4.07
CA GLY A 301 -14.48 -8.88 -5.09
C GLY A 301 -13.63 -7.96 -5.94
N ILE A 302 -12.32 -7.97 -5.75
CA ILE A 302 -11.42 -7.09 -6.49
C ILE A 302 -10.04 -7.74 -6.47
N ASN A 303 -9.35 -7.68 -7.60
CA ASN A 303 -7.97 -8.15 -7.65
C ASN A 303 -7.06 -7.06 -7.11
N ILE A 304 -6.07 -7.45 -6.32
CA ILE A 304 -5.20 -6.48 -5.64
C ILE A 304 -3.75 -6.81 -5.95
N PHE A 305 -3.08 -5.91 -6.67
CA PHE A 305 -1.63 -5.97 -6.85
C PHE A 305 -1.02 -5.27 -5.64
N GLY A 306 -0.86 -6.05 -4.56
CA GLY A 306 -0.28 -5.57 -3.33
C GLY A 306 1.24 -5.65 -3.36
N ASP A 307 1.83 -5.61 -2.16
CA ASP A 307 3.29 -5.42 -2.07
C ASP A 307 4.06 -6.55 -2.75
N VAL A 308 3.55 -7.78 -2.69
CA VAL A 308 4.25 -8.90 -3.35
C VAL A 308 4.52 -8.57 -4.81
N ALA A 309 3.55 -7.99 -5.49
CA ALA A 309 3.74 -7.60 -6.88
C ALA A 309 4.51 -6.29 -7.01
N LEU A 310 4.11 -5.27 -6.24
CA LEU A 310 4.69 -3.94 -6.44
C LEU A 310 6.17 -3.92 -6.09
N LYS A 311 6.60 -4.71 -5.11
CA LYS A 311 8.01 -4.66 -4.73
C LYS A 311 8.92 -5.26 -5.79
N ALA A 312 8.37 -5.98 -6.78
CA ALA A 312 9.18 -6.44 -7.89
C ALA A 312 9.38 -5.39 -8.96
N ALA A 313 8.81 -4.19 -8.77
CA ALA A 313 8.83 -3.18 -9.82
C ALA A 313 9.13 -1.81 -9.23
N PHE A 314 9.52 -0.90 -10.12
CA PHE A 314 9.48 0.53 -9.85
C PHE A 314 8.15 1.01 -10.41
N VAL A 315 7.33 1.64 -9.57
CA VAL A 315 5.94 1.92 -9.93
C VAL A 315 5.71 3.42 -9.89
N VAL A 316 5.18 3.96 -10.98
CA VAL A 316 4.86 5.37 -11.10
C VAL A 316 3.35 5.54 -10.96
N PHE A 317 2.94 6.35 -10.00
CA PHE A 317 1.54 6.74 -9.84
C PHE A 317 1.42 8.14 -10.43
N ASN A 318 0.95 8.20 -11.67
CA ASN A 318 0.90 9.45 -12.42
C ASN A 318 -0.47 10.10 -12.20
N GLY A 319 -0.48 11.20 -11.44
CA GLY A 319 -1.71 11.89 -11.12
C GLY A 319 -2.00 13.08 -12.01
N ALA A 320 -1.53 13.02 -13.26
CA ALA A 320 -1.87 14.03 -14.25
C ALA A 320 -3.37 14.02 -14.51
N THR A 321 -3.84 14.98 -15.33
CA THR A 321 -5.27 15.11 -15.61
C THR A 321 -5.87 13.78 -16.06
N THR A 322 -5.16 13.03 -16.90
CA THR A 322 -5.51 11.66 -17.21
C THR A 322 -4.54 10.77 -16.44
N PRO A 323 -4.95 10.17 -15.33
CA PRO A 323 -4.00 9.38 -14.53
C PRO A 323 -3.59 8.10 -15.24
N THR A 324 -2.35 7.69 -15.00
CA THR A 324 -1.84 6.42 -15.51
C THR A 324 -0.95 5.80 -14.44
N LEU A 325 -0.61 4.53 -14.66
CA LEU A 325 0.34 3.80 -13.82
C LEU A 325 1.49 3.35 -14.70
N GLY A 326 2.71 3.49 -14.19
CA GLY A 326 3.90 3.02 -14.88
C GLY A 326 4.58 1.93 -14.09
N PHE A 327 5.08 0.91 -14.78
CA PHE A 327 5.82 -0.17 -14.15
C PHE A 327 7.13 -0.37 -14.92
N ALA A 328 8.23 -0.47 -14.19
CA ALA A 328 9.51 -0.87 -14.75
C ALA A 328 10.11 -1.97 -13.90
N SER A 329 10.89 -2.84 -14.54
N SER A 329 10.89 -2.84 -14.54
CA SER A 329 11.71 -3.78 -13.80
CA SER A 329 11.71 -3.77 -13.80
C SER A 329 12.84 -3.03 -13.09
C SER A 329 12.81 -3.01 -13.06
N LYS A 330 13.44 -3.69 -12.10
CA LYS A 330 14.51 -3.06 -11.33
C LYS A 330 15.48 -4.09 -10.77
C01 IKA B . -12.71 -7.19 1.74
C02 IKA B . -12.88 -6.50 0.77
C03 IKA B . -13.12 -5.62 -0.44
C05 IKA B . -12.46 -3.63 0.74
C06 IKA B . -10.78 -4.94 -0.45
C07 IKA B . -9.87 -3.69 -0.35
C09 IKA B . -8.41 -2.23 0.60
C10 IKA B . -7.57 -1.72 1.74
C12 IKA B . -6.77 -0.44 1.29
C14 IKA B . -5.30 -2.07 2.06
C15 IKA B . -4.75 -1.74 3.42
C17 IKA B . -4.14 -1.68 5.48
C18 IKA B . -3.95 -2.07 6.83
C19 IKA B . -2.79 -1.69 7.49
C20 IKA B . -2.58 -2.10 8.81
C21 IKA B . -3.55 -2.90 9.44
C22 IKA B . -3.37 -3.39 10.87
C26 IKA B . -4.70 -3.29 8.77
C27 IKA B . -4.90 -2.88 7.45
C30 IKA B . -6.50 -2.68 2.27
C31 IKA B . -8.52 -1.60 -0.63
F23 IKA B . -2.34 -2.75 11.48
F24 IKA B . -4.51 -3.13 11.56
F25 IKA B . -3.16 -4.74 10.87
N04 IKA B . -12.20 -4.46 -0.45
N08 IKA B . -9.14 -3.32 0.71
N13 IKA B . -5.56 -0.88 1.02
N16 IKA B . -4.81 -2.38 4.58
N28 IKA B . -3.61 -0.60 4.91
O11 IKA B . -8.43 -1.44 2.83
O29 IKA B . -4.00 -0.64 3.61
S32 IKA B . -9.63 -2.55 -1.61
S DMS C . -2.90 -6.55 4.90
O DMS C . -2.86 -6.72 3.42
C1 DMS C . -4.56 -5.93 5.34
C2 DMS C . -1.95 -5.08 5.37
C1 PEG D . 5.86 -16.86 12.39
O1 PEG D . 4.50 -17.23 12.28
C2 PEG D . 6.77 -18.01 12.11
O2 PEG D . 8.11 -17.63 12.38
C3 PEG D . 9.07 -18.59 11.94
C4 PEG D . 9.20 -19.66 12.97
O4 PEG D . 9.66 -20.89 12.42
C ACT E . 1.35 -27.43 10.17
O ACT E . 1.61 -26.79 11.22
OXT ACT E . 2.16 -27.99 9.35
CH3 ACT E . -0.17 -27.55 9.79
S DMS F . 6.74 13.30 19.70
O DMS F . 7.57 14.26 18.90
C1 DMS F . 7.65 11.74 19.88
C2 DMS F . 5.37 12.69 18.69
#